data_8B1W
#
_entry.id   8B1W
#
_cell.length_a   70.190
_cell.length_b   73.699
_cell.length_c   77.280
_cell.angle_alpha   90.000
_cell.angle_beta   90.000
_cell.angle_gamma   90.000
#
_symmetry.space_group_name_H-M   'P 21 21 21'
#
loop_
_entity.id
_entity.type
_entity.pdbx_description
1 polymer 'Beta-lactamase NDM-1'
2 non-polymer 'ZINC ION'
3 non-polymer 'CALCIUM ION'
4 non-polymer 4-[(~{E})-(3-bromophenyl)methylideneamino]-5-(trifluoromethyl)-1,2,4-triazole-3-thiol
5 non-polymer 1,2-ETHANEDIOL
6 non-polymer '4-(2-HYDROXYETHYL)-1-PIPERAZINE ETHANESULFONIC ACID'
7 water water
#
_entity_poly.entity_id   1
_entity_poly.type   'polypeptide(L)'
_entity_poly.pdbx_seq_one_letter_code
;GEIRPTIGQQMETGDQRFGDLVFRQLAPNVWQHTSYLDMPGFGAVASNGLIVRDGGRVLVVDTAWTDDQTAQILNWIKQE
INLPVALAVVTHAHQDKMGGMDALHAAGIATYANALSNQLAPQEGMVAAQHSLTFAANGWVEPATAPNFGPLKVFYPGPG
HTSDNITVGIDGTDIAFGGCLIKDSKAKSLGNLGDADTEHYAASARAFGAAFPKASMIVMSHSAPDSRAAITHTARMADK
LR
;
_entity_poly.pdbx_strand_id   A,B
#
loop_
_chem_comp.id
_chem_comp.type
_chem_comp.name
_chem_comp.formula
CA non-polymer 'CALCIUM ION' 'Ca 2'
EDO non-polymer 1,2-ETHANEDIOL 'C2 H6 O2'
EPE non-polymer '4-(2-HYDROXYETHYL)-1-PIPERAZINE ETHANESULFONIC ACID' 'C8 H18 N2 O4 S'
OQU non-polymer 4-[(~{E})-(3-bromophenyl)methylideneamino]-5-(trifluoromethyl)-1,2,4-triazole-3-thiol 'C10 H6 Br F3 N4 S'
ZN non-polymer 'ZINC ION' 'Zn 2'
#
# COMPACT_ATOMS: atom_id res chain seq x y z
N GLU A 12 33.94 -10.52 -11.86
CA GLU A 12 34.71 -11.34 -10.88
C GLU A 12 34.68 -12.81 -11.30
N THR A 13 35.78 -13.50 -10.98
CA THR A 13 35.98 -14.89 -11.37
C THR A 13 34.91 -15.76 -10.71
N GLY A 14 34.41 -16.73 -11.47
CA GLY A 14 33.28 -17.50 -11.02
C GLY A 14 31.98 -17.05 -11.69
N ASP A 15 31.87 -15.76 -12.04
CA ASP A 15 30.64 -15.28 -12.64
C ASP A 15 30.50 -15.83 -14.06
N GLN A 16 29.24 -16.01 -14.50
CA GLN A 16 29.01 -16.43 -15.87
C GLN A 16 28.22 -15.36 -16.61
N ARG A 17 28.50 -15.21 -17.92
CA ARG A 17 27.74 -14.30 -18.76
C ARG A 17 26.93 -15.15 -19.75
N PHE A 18 25.69 -14.75 -19.98
CA PHE A 18 24.81 -15.28 -21.01
C PHE A 18 24.17 -14.07 -21.68
N GLY A 19 24.60 -13.77 -22.92
CA GLY A 19 24.08 -12.58 -23.58
C GLY A 19 24.55 -11.33 -22.83
N ASP A 20 23.60 -10.54 -22.35
CA ASP A 20 23.93 -9.32 -21.62
C ASP A 20 23.82 -9.55 -20.11
N LEU A 21 23.53 -10.76 -19.67
CA LEU A 21 23.22 -11.03 -18.27
C LEU A 21 24.47 -11.62 -17.63
N VAL A 22 24.66 -11.33 -16.35
CA VAL A 22 25.73 -11.97 -15.58
C VAL A 22 25.07 -12.76 -14.46
N PHE A 23 25.66 -13.92 -14.12
CA PHE A 23 25.09 -14.72 -13.07
C PHE A 23 26.17 -15.05 -12.06
N ARG A 24 25.77 -15.12 -10.79
CA ARG A 24 26.71 -15.48 -9.74
C ARG A 24 26.01 -16.39 -8.73
N GLN A 25 26.63 -17.55 -8.43
CA GLN A 25 26.05 -18.47 -7.48
C GLN A 25 26.26 -17.91 -6.06
N LEU A 26 25.19 -17.80 -5.28
CA LEU A 26 25.29 -17.34 -3.91
C LEU A 26 25.24 -18.51 -2.92
N ALA A 27 24.59 -19.62 -3.29
CA ALA A 27 24.38 -20.79 -2.44
C ALA A 27 24.12 -21.99 -3.34
N PRO A 28 24.19 -23.26 -2.85
CA PRO A 28 23.99 -24.41 -3.73
C PRO A 28 22.74 -24.30 -4.60
N ASN A 29 21.70 -23.64 -4.08
CA ASN A 29 20.48 -23.56 -4.85
C ASN A 29 20.05 -22.12 -5.14
N VAL A 30 20.97 -21.15 -5.05
CA VAL A 30 20.61 -19.76 -5.24
C VAL A 30 21.65 -19.06 -6.11
N TRP A 31 21.15 -18.30 -7.11
CA TRP A 31 22.00 -17.52 -8.00
C TRP A 31 21.49 -16.09 -8.04
N GLN A 32 22.43 -15.15 -8.21
CA GLN A 32 22.02 -13.78 -8.48
C GLN A 32 22.03 -13.59 -9.99
N HIS A 33 20.98 -12.95 -10.53
CA HIS A 33 21.06 -12.41 -11.89
C HIS A 33 21.23 -10.89 -11.94
N THR A 34 22.06 -10.43 -12.88
CA THR A 34 22.35 -9.01 -13.01
C THR A 34 22.20 -8.59 -14.46
N SER A 35 21.44 -7.52 -14.66
CA SER A 35 21.14 -6.96 -15.97
C SER A 35 21.45 -5.46 -15.94
N TYR A 36 21.67 -4.85 -17.11
CA TYR A 36 22.14 -3.48 -17.15
C TYR A 36 21.29 -2.69 -18.12
N LEU A 37 20.97 -1.46 -17.73
CA LEU A 37 20.25 -0.56 -18.61
C LEU A 37 21.18 0.63 -18.88
N ASP A 38 21.30 1.00 -20.15
CA ASP A 38 22.10 2.15 -20.54
C ASP A 38 21.18 3.36 -20.59
N MET A 39 21.28 4.18 -19.54
CA MET A 39 20.57 5.47 -19.62
C MET A 39 21.38 6.17 -20.73
N PRO A 40 20.80 7.06 -21.59
CA PRO A 40 21.52 7.51 -22.80
C PRO A 40 22.83 8.24 -22.47
N GLY A 41 23.94 7.69 -23.00
CA GLY A 41 25.31 8.17 -22.75
C GLY A 41 25.61 8.40 -21.25
N PHE A 42 24.79 7.79 -20.38
CA PHE A 42 24.89 7.94 -18.93
C PHE A 42 25.43 6.64 -18.33
N GLY A 43 25.41 6.52 -16.99
CA GLY A 43 25.84 5.29 -16.37
C GLY A 43 24.98 4.10 -16.84
N ALA A 44 25.61 3.06 -17.37
CA ALA A 44 25.01 1.74 -17.41
C ALA A 44 24.63 1.37 -15.98
N VAL A 45 23.39 0.92 -15.77
CA VAL A 45 22.89 0.75 -14.41
C VAL A 45 22.58 -0.72 -14.17
N ALA A 46 23.21 -1.31 -13.15
CA ALA A 46 23.02 -2.71 -12.86
C ALA A 46 21.75 -2.91 -12.03
N SER A 47 21.06 -4.01 -12.28
CA SER A 47 19.98 -4.42 -11.37
C SER A 47 20.09 -5.93 -11.12
N ASN A 48 19.95 -6.33 -9.86
CA ASN A 48 20.04 -7.74 -9.49
C ASN A 48 18.67 -8.29 -9.07
N GLY A 49 18.47 -9.57 -9.41
CA GLY A 49 17.38 -10.40 -8.92
C GLY A 49 17.94 -11.75 -8.50
N LEU A 50 17.03 -12.69 -8.17
CA LEU A 50 17.45 -14.01 -7.70
C LEU A 50 16.81 -15.14 -8.49
N ILE A 51 17.51 -16.29 -8.53
CA ILE A 51 17.01 -17.53 -9.08
C ILE A 51 17.16 -18.58 -7.97
N VAL A 52 16.09 -19.35 -7.71
CA VAL A 52 16.12 -20.31 -6.62
C VAL A 52 15.73 -21.69 -7.16
N ARG A 53 16.58 -22.71 -6.92
CA ARG A 53 16.23 -24.09 -7.26
C ARG A 53 15.54 -24.73 -6.04
N ASP A 54 14.27 -25.08 -6.19
CA ASP A 54 13.44 -25.67 -5.16
C ASP A 54 13.04 -27.09 -5.58
N GLY A 55 13.89 -28.08 -5.26
CA GLY A 55 13.61 -29.47 -5.67
C GLY A 55 13.65 -29.58 -7.18
N GLY A 56 12.52 -29.89 -7.81
CA GLY A 56 12.47 -30.05 -9.25
C GLY A 56 11.95 -28.83 -10.00
N ARG A 57 11.97 -27.66 -9.37
CA ARG A 57 11.52 -26.48 -10.08
C ARG A 57 12.42 -25.28 -9.76
N VAL A 58 12.22 -24.22 -10.53
CA VAL A 58 12.96 -22.99 -10.26
C VAL A 58 11.96 -21.87 -9.97
N LEU A 59 12.34 -21.00 -9.02
CA LEU A 59 11.60 -19.77 -8.69
C LEU A 59 12.44 -18.53 -9.01
N VAL A 60 11.80 -17.48 -9.57
CA VAL A 60 12.59 -16.31 -9.93
C VAL A 60 12.11 -15.11 -9.13
N VAL A 61 13.06 -14.26 -8.71
CA VAL A 61 12.69 -13.01 -8.04
C VAL A 61 13.21 -11.90 -8.92
N ASP A 62 12.28 -11.10 -9.46
CA ASP A 62 12.51 -9.92 -10.29
C ASP A 62 12.83 -10.28 -11.73
N THR A 63 12.28 -9.49 -12.68
CA THR A 63 12.75 -9.58 -14.04
C THR A 63 14.10 -8.84 -14.17
N ALA A 64 14.60 -8.86 -15.40
CA ALA A 64 15.62 -7.90 -15.80
C ALA A 64 14.94 -6.64 -16.32
N TRP A 65 15.74 -5.64 -16.70
CA TRP A 65 15.22 -4.37 -17.18
C TRP A 65 14.31 -4.55 -18.39
N THR A 66 14.61 -5.54 -19.22
CA THR A 66 13.89 -5.65 -20.50
C THR A 66 13.37 -7.07 -20.71
N ASP A 67 12.44 -7.19 -21.66
CA ASP A 67 11.96 -8.50 -22.09
C ASP A 67 13.10 -9.33 -22.65
N ASP A 68 13.94 -8.75 -23.51
CA ASP A 68 15.01 -9.53 -24.11
C ASP A 68 15.97 -9.99 -23.01
N GLN A 69 16.27 -9.09 -22.07
CA GLN A 69 17.18 -9.50 -21.00
C GLN A 69 16.55 -10.59 -20.13
N THR A 70 15.22 -10.48 -19.95
CA THR A 70 14.47 -11.45 -19.19
C THR A 70 14.50 -12.83 -19.86
N ALA A 71 14.34 -12.86 -21.20
CA ALA A 71 14.39 -14.15 -21.91
C ALA A 71 15.76 -14.82 -21.74
N GLN A 72 16.81 -13.99 -21.64
CA GLN A 72 18.16 -14.49 -21.45
C GLN A 72 18.31 -15.11 -20.07
N ILE A 73 17.71 -14.51 -19.03
CA ILE A 73 17.64 -15.23 -17.75
C ILE A 73 17.03 -16.62 -17.97
N LEU A 74 15.91 -16.66 -18.67
CA LEU A 74 15.14 -17.89 -18.72
C LEU A 74 15.94 -18.96 -19.49
N ASN A 75 16.66 -18.48 -20.53
CA ASN A 75 17.46 -19.38 -21.37
C ASN A 75 18.69 -19.87 -20.62
N TRP A 76 19.26 -19.01 -19.76
CA TRP A 76 20.36 -19.41 -18.92
C TRP A 76 19.88 -20.52 -17.98
N ILE A 77 18.68 -20.34 -17.35
CA ILE A 77 18.17 -21.35 -16.44
C ILE A 77 17.99 -22.68 -17.18
N LYS A 78 17.37 -22.65 -18.36
CA LYS A 78 17.16 -23.86 -19.15
C LYS A 78 18.51 -24.59 -19.43
N GLN A 79 19.57 -23.82 -19.75
CA GLN A 79 20.84 -24.40 -20.15
C GLN A 79 21.59 -24.93 -18.93
N GLU A 80 21.58 -24.19 -17.83
CA GLU A 80 22.48 -24.49 -16.72
C GLU A 80 21.78 -25.27 -15.61
N ILE A 81 20.46 -25.12 -15.47
CA ILE A 81 19.75 -25.78 -14.39
C ILE A 81 18.81 -26.84 -14.98
N ASN A 82 18.19 -26.53 -16.13
CA ASN A 82 17.37 -27.46 -16.87
C ASN A 82 16.19 -27.96 -16.01
N LEU A 83 15.53 -27.04 -15.28
CA LEU A 83 14.32 -27.36 -14.56
C LEU A 83 13.30 -26.29 -14.92
N PRO A 84 11.98 -26.60 -14.84
CA PRO A 84 10.96 -25.62 -15.21
C PRO A 84 10.92 -24.51 -14.16
N VAL A 85 10.67 -23.29 -14.65
CA VAL A 85 10.39 -22.17 -13.76
C VAL A 85 8.90 -22.21 -13.38
N ALA A 86 8.62 -22.41 -12.10
CA ALA A 86 7.24 -22.52 -11.63
C ALA A 86 6.62 -21.14 -11.47
N LEU A 87 7.38 -20.16 -10.95
CA LEU A 87 6.75 -18.86 -10.73
C LEU A 87 7.84 -17.80 -10.60
N ALA A 88 7.41 -16.55 -10.72
CA ALA A 88 8.26 -15.41 -10.46
C ALA A 88 7.52 -14.44 -9.55
N VAL A 89 8.27 -13.82 -8.62
CA VAL A 89 7.72 -12.77 -7.79
C VAL A 89 8.53 -11.52 -8.09
N VAL A 90 7.83 -10.41 -8.35
CA VAL A 90 8.50 -9.17 -8.70
C VAL A 90 8.27 -8.17 -7.56
N THR A 91 9.23 -7.27 -7.31
CA THR A 91 9.28 -6.63 -6.00
C THR A 91 8.83 -5.17 -5.95
N HIS A 92 8.58 -4.57 -7.13
CA HIS A 92 7.73 -3.39 -7.17
C HIS A 92 7.63 -2.97 -8.63
N ALA A 93 6.82 -1.95 -8.93
CA ALA A 93 6.53 -1.60 -10.33
C ALA A 93 7.47 -0.52 -10.88
N HIS A 94 8.77 -0.85 -10.93
CA HIS A 94 9.76 -0.11 -11.70
C HIS A 94 10.40 -1.04 -12.74
N GLN A 95 11.04 -0.45 -13.75
CA GLN A 95 11.47 -1.15 -14.95
C GLN A 95 12.52 -2.21 -14.65
N ASP A 96 13.35 -1.95 -13.65
CA ASP A 96 14.37 -2.94 -13.27
C ASP A 96 13.76 -4.22 -12.70
N LYS A 97 12.55 -4.15 -12.12
CA LYS A 97 11.97 -5.29 -11.42
C LYS A 97 10.82 -5.93 -12.21
N MET A 98 10.16 -5.14 -13.06
CA MET A 98 9.01 -5.65 -13.78
C MET A 98 9.10 -5.34 -15.28
N GLY A 99 10.24 -4.81 -15.74
CA GLY A 99 10.40 -4.51 -17.16
C GLY A 99 10.21 -5.71 -18.10
N GLY A 100 10.47 -6.91 -17.59
CA GLY A 100 10.42 -8.10 -18.43
C GLY A 100 9.18 -8.99 -18.25
N MET A 101 8.09 -8.43 -17.73
N MET A 101 8.09 -8.43 -17.72
CA MET A 101 6.89 -9.27 -17.44
CA MET A 101 6.90 -9.28 -17.45
C MET A 101 6.38 -9.96 -18.72
C MET A 101 6.44 -9.99 -18.74
N ASP A 102 6.40 -9.25 -19.85
CA ASP A 102 5.95 -9.87 -21.09
C ASP A 102 6.78 -11.12 -21.40
N ALA A 103 8.10 -11.06 -21.15
CA ALA A 103 8.91 -12.25 -21.38
C ALA A 103 8.51 -13.41 -20.45
N LEU A 104 8.28 -13.13 -19.16
CA LEU A 104 7.87 -14.21 -18.27
C LEU A 104 6.57 -14.84 -18.80
N HIS A 105 5.65 -13.98 -19.24
CA HIS A 105 4.34 -14.46 -19.63
C HIS A 105 4.46 -15.26 -20.92
N ALA A 106 5.33 -14.80 -21.82
CA ALA A 106 5.50 -15.47 -23.10
C ALA A 106 6.02 -16.85 -22.82
N ALA A 107 6.77 -16.97 -21.72
CA ALA A 107 7.39 -18.23 -21.35
C ALA A 107 6.47 -19.12 -20.52
N GLY A 108 5.27 -18.64 -20.16
CA GLY A 108 4.32 -19.47 -19.43
C GLY A 108 4.56 -19.55 -17.92
N ILE A 109 5.29 -18.58 -17.35
CA ILE A 109 5.57 -18.60 -15.92
C ILE A 109 4.44 -17.88 -15.19
N ALA A 110 3.99 -18.41 -14.06
CA ALA A 110 2.98 -17.71 -13.26
C ALA A 110 3.67 -16.56 -12.55
N THR A 111 3.01 -15.39 -12.56
CA THR A 111 3.67 -14.21 -11.98
C THR A 111 2.88 -13.63 -10.82
N TYR A 112 3.61 -13.11 -9.80
CA TYR A 112 3.02 -12.62 -8.56
C TYR A 112 3.67 -11.28 -8.23
N ALA A 113 2.86 -10.32 -7.72
CA ALA A 113 3.41 -9.06 -7.25
C ALA A 113 2.48 -8.59 -6.17
N ASN A 114 2.98 -7.67 -5.33
CA ASN A 114 2.11 -6.93 -4.42
C ASN A 114 0.90 -6.40 -5.20
N ALA A 115 -0.31 -6.55 -4.64
CA ALA A 115 -1.51 -6.02 -5.30
C ALA A 115 -1.29 -4.56 -5.72
N LEU A 116 -0.70 -3.76 -4.83
CA LEU A 116 -0.39 -2.35 -5.10
C LEU A 116 0.51 -2.20 -6.32
N SER A 117 1.52 -3.09 -6.48
CA SER A 117 2.35 -3.09 -7.68
C SER A 117 1.51 -3.23 -8.95
N ASN A 118 0.57 -4.20 -8.92
CA ASN A 118 -0.28 -4.48 -10.07
C ASN A 118 -1.20 -3.29 -10.32
N GLN A 119 -1.66 -2.67 -9.23
CA GLN A 119 -2.56 -1.53 -9.41
C GLN A 119 -1.85 -0.32 -10.04
N LEU A 120 -0.59 -0.09 -9.61
CA LEU A 120 0.20 1.04 -10.07
C LEU A 120 0.89 0.77 -11.41
N ALA A 121 0.90 -0.52 -11.84
CA ALA A 121 1.76 -0.92 -12.96
C ALA A 121 1.47 -0.05 -14.19
N PRO A 122 0.19 0.13 -14.58
CA PRO A 122 -0.12 0.99 -15.74
C PRO A 122 0.44 2.41 -15.68
N GLN A 123 0.36 3.08 -14.52
CA GLN A 123 0.89 4.43 -14.47
C GLN A 123 2.42 4.40 -14.53
N GLU A 124 3.02 3.29 -14.07
CA GLU A 124 4.46 3.18 -14.07
C GLU A 124 4.98 2.62 -15.40
N GLY A 125 4.06 2.41 -16.35
CA GLY A 125 4.40 1.84 -17.65
C GLY A 125 4.88 0.39 -17.59
N MET A 126 4.40 -0.37 -16.57
CA MET A 126 4.74 -1.78 -16.44
C MET A 126 3.53 -2.65 -16.76
N VAL A 127 3.77 -3.88 -17.24
CA VAL A 127 2.72 -4.91 -17.32
C VAL A 127 2.52 -5.51 -15.94
N ALA A 128 1.25 -5.60 -15.50
CA ALA A 128 0.95 -6.20 -14.20
C ALA A 128 1.27 -7.70 -14.18
N ALA A 129 1.61 -8.21 -12.98
CA ALA A 129 1.67 -9.64 -12.82
C ALA A 129 0.25 -10.20 -12.82
N GLN A 130 0.14 -11.52 -13.06
CA GLN A 130 -1.14 -12.21 -13.09
C GLN A 130 -1.82 -12.21 -11.73
N HIS A 131 -1.05 -12.47 -10.68
CA HIS A 131 -1.62 -12.69 -9.35
C HIS A 131 -1.10 -11.61 -8.39
N SER A 132 -1.94 -11.31 -7.41
CA SER A 132 -1.64 -10.26 -6.45
C SER A 132 -1.38 -10.87 -5.07
N LEU A 133 -0.24 -10.49 -4.46
CA LEU A 133 0.05 -10.77 -3.06
C LEU A 133 -0.65 -9.72 -2.18
N THR A 134 -1.22 -10.14 -1.04
CA THR A 134 -1.63 -9.19 -0.04
C THR A 134 -0.88 -9.53 1.24
N PHE A 135 -0.97 -8.60 2.21
CA PHE A 135 -0.13 -8.64 3.39
C PHE A 135 -0.90 -8.27 4.64
N ALA A 136 -0.58 -8.96 5.76
CA ALA A 136 -1.13 -8.61 7.05
C ALA A 136 -0.48 -7.32 7.52
N ALA A 137 -1.03 -6.77 8.61
CA ALA A 137 -0.54 -5.54 9.23
C ALA A 137 0.90 -5.73 9.72
N ASN A 138 1.28 -6.97 10.06
CA ASN A 138 2.62 -7.24 10.54
C ASN A 138 3.59 -7.42 9.35
N GLY A 139 3.09 -7.26 8.13
CA GLY A 139 3.99 -7.30 6.97
C GLY A 139 4.09 -8.65 6.25
N TRP A 140 3.72 -9.76 6.90
CA TRP A 140 3.87 -11.07 6.26
C TRP A 140 2.76 -11.30 5.23
N VAL A 141 3.14 -11.95 4.13
CA VAL A 141 2.20 -12.24 3.05
C VAL A 141 1.07 -13.08 3.60
N GLU A 142 -0.15 -12.81 3.12
CA GLU A 142 -1.30 -13.67 3.43
C GLU A 142 -1.12 -14.96 2.65
N PRO A 143 -0.84 -16.12 3.29
CA PRO A 143 -0.41 -17.31 2.56
C PRO A 143 -1.28 -17.81 1.41
N ALA A 144 -2.59 -17.49 1.42
CA ALA A 144 -3.45 -17.98 0.36
C ALA A 144 -3.19 -17.23 -0.94
N THR A 145 -2.53 -16.07 -0.83
CA THR A 145 -2.17 -15.31 -2.03
C THR A 145 -0.79 -15.70 -2.56
N ALA A 146 -0.02 -16.49 -1.80
CA ALA A 146 1.30 -16.96 -2.23
C ALA A 146 1.37 -18.49 -2.14
N PRO A 147 0.46 -19.22 -2.85
CA PRO A 147 0.44 -20.68 -2.80
C PRO A 147 1.69 -21.26 -3.45
N ASN A 148 2.17 -22.30 -2.76
CA ASN A 148 3.26 -23.13 -3.28
C ASN A 148 4.51 -22.32 -3.58
N PHE A 149 4.90 -21.41 -2.66
CA PHE A 149 6.09 -20.57 -2.80
C PHE A 149 7.34 -21.28 -2.27
N GLY A 150 7.15 -22.48 -1.70
CA GLY A 150 8.28 -23.29 -1.25
C GLY A 150 9.10 -22.51 -0.23
N PRO A 151 10.43 -22.28 -0.46
CA PRO A 151 11.24 -21.59 0.54
C PRO A 151 11.16 -20.07 0.49
N LEU A 152 10.39 -19.48 -0.44
CA LEU A 152 10.28 -18.04 -0.58
C LEU A 152 9.30 -17.54 0.48
N LYS A 153 9.79 -16.67 1.37
CA LYS A 153 9.00 -16.03 2.41
C LYS A 153 8.92 -14.53 2.12
N VAL A 154 7.71 -14.08 1.81
CA VAL A 154 7.58 -12.77 1.22
C VAL A 154 7.08 -11.82 2.30
N PHE A 155 7.72 -10.65 2.42
CA PHE A 155 7.48 -9.73 3.52
C PHE A 155 7.36 -8.31 2.99
N TYR A 156 6.28 -7.62 3.38
CA TYR A 156 6.09 -6.24 2.98
C TYR A 156 6.54 -5.39 4.16
N PRO A 157 7.69 -4.68 4.05
CA PRO A 157 8.25 -3.99 5.20
C PRO A 157 7.59 -2.66 5.51
N GLY A 158 6.76 -2.17 4.58
CA GLY A 158 6.28 -0.79 4.64
C GLY A 158 6.89 0.08 3.54
N PRO A 159 6.33 1.28 3.31
CA PRO A 159 6.75 2.13 2.17
C PRO A 159 8.17 2.63 2.42
N GLY A 160 8.96 2.70 1.34
CA GLY A 160 10.32 3.22 1.48
C GLY A 160 10.82 3.66 0.10
N HIS A 161 11.59 2.78 -0.57
CA HIS A 161 11.97 3.04 -1.94
C HIS A 161 10.73 3.38 -2.78
N THR A 162 9.68 2.56 -2.57
CA THR A 162 8.36 2.82 -3.11
C THR A 162 7.31 2.41 -2.07
N SER A 163 6.07 2.84 -2.29
CA SER A 163 5.03 2.38 -1.36
C SER A 163 4.73 0.87 -1.50
N ASP A 164 5.11 0.24 -2.62
CA ASP A 164 4.71 -1.14 -2.91
C ASP A 164 5.85 -2.16 -2.71
N ASN A 165 7.03 -1.69 -2.35
CA ASN A 165 8.25 -2.55 -2.30
C ASN A 165 8.09 -3.75 -1.38
N ILE A 166 8.36 -4.93 -1.93
CA ILE A 166 8.34 -6.12 -1.09
C ILE A 166 9.72 -6.76 -1.06
N THR A 167 9.93 -7.62 -0.05
CA THR A 167 11.21 -8.28 0.17
C THR A 167 10.97 -9.80 0.29
N VAL A 168 12.03 -10.62 0.22
CA VAL A 168 11.84 -12.06 0.14
C VAL A 168 13.02 -12.71 0.86
N GLY A 169 12.72 -13.59 1.81
CA GLY A 169 13.78 -14.43 2.38
C GLY A 169 13.74 -15.85 1.82
N ILE A 170 14.92 -16.51 1.79
CA ILE A 170 14.97 -17.83 1.21
C ILE A 170 15.22 -18.81 2.35
N ASP A 171 14.20 -19.58 2.64
CA ASP A 171 14.26 -20.47 3.78
C ASP A 171 15.29 -21.55 3.46
N GLY A 172 16.00 -22.05 4.49
CA GLY A 172 17.04 -23.02 4.19
C GLY A 172 18.34 -22.38 3.66
N THR A 173 18.44 -21.04 3.74
CA THR A 173 19.68 -20.37 3.34
C THR A 173 19.89 -19.21 4.30
N ASP A 174 21.01 -18.55 4.15
CA ASP A 174 21.33 -17.36 4.92
C ASP A 174 20.90 -16.10 4.19
N ILE A 175 20.04 -16.21 3.17
CA ILE A 175 19.84 -15.12 2.21
C ILE A 175 18.49 -14.41 2.41
N ALA A 176 18.53 -13.08 2.49
CA ALA A 176 17.31 -12.30 2.26
C ALA A 176 17.55 -11.23 1.20
N PHE A 177 16.49 -10.95 0.45
CA PHE A 177 16.57 -10.03 -0.68
C PHE A 177 15.81 -8.76 -0.34
N GLY A 178 16.54 -7.64 -0.20
CA GLY A 178 15.93 -6.38 0.16
C GLY A 178 15.50 -5.59 -1.09
N GLY A 179 15.77 -6.11 -2.29
CA GLY A 179 15.37 -5.36 -3.49
C GLY A 179 15.95 -3.94 -3.48
N CYS A 180 15.17 -2.97 -3.95
CA CYS A 180 15.68 -1.62 -4.03
C CYS A 180 15.58 -0.85 -2.71
N LEU A 181 14.91 -1.43 -1.68
CA LEU A 181 14.79 -0.74 -0.40
C LEU A 181 16.16 -0.60 0.28
N ILE A 182 17.00 -1.65 0.15
CA ILE A 182 18.26 -1.72 0.88
C ILE A 182 19.42 -1.34 -0.06
N LYS A 183 20.30 -0.48 0.47
CA LYS A 183 21.52 -0.14 -0.22
C LYS A 183 22.71 -0.72 0.55
N ASP A 184 23.85 -0.84 -0.13
CA ASP A 184 25.02 -1.43 0.51
C ASP A 184 25.52 -0.48 1.60
N SER A 185 26.35 -1.04 2.49
CA SER A 185 26.76 -0.40 3.72
C SER A 185 27.82 0.70 3.51
N LYS A 186 28.26 0.95 2.25
CA LYS A 186 29.10 2.12 2.00
C LYS A 186 28.41 3.12 1.09
N ALA A 187 27.12 2.91 0.80
CA ALA A 187 26.38 3.83 -0.06
C ALA A 187 26.37 5.25 0.54
N LYS A 188 26.40 6.27 -0.33
CA LYS A 188 26.35 7.65 0.13
C LYS A 188 24.98 8.26 -0.18
N SER A 189 24.05 7.50 -0.79
CA SER A 189 22.70 8.02 -0.91
C SER A 189 21.72 6.86 -1.00
N LEU A 190 20.43 7.20 -1.15
CA LEU A 190 19.39 6.19 -1.25
C LEU A 190 18.88 6.02 -2.69
N GLY A 191 19.69 6.39 -3.69
CA GLY A 191 19.38 6.15 -5.09
C GLY A 191 18.17 6.94 -5.59
N ASN A 192 17.31 6.28 -6.36
CA ASN A 192 16.17 6.91 -7.00
C ASN A 192 14.99 7.00 -6.02
N LEU A 193 14.66 8.22 -5.58
CA LEU A 193 13.60 8.48 -4.60
C LEU A 193 12.37 9.06 -5.29
N GLY A 194 12.26 8.89 -6.61
CA GLY A 194 11.15 9.46 -7.35
C GLY A 194 9.78 8.94 -6.90
N ASP A 195 9.71 7.73 -6.34
CA ASP A 195 8.43 7.22 -5.85
C ASP A 195 8.54 6.88 -4.35
N ALA A 196 9.55 7.45 -3.67
CA ALA A 196 9.87 7.07 -2.29
C ALA A 196 8.93 7.68 -1.26
N ASP A 197 8.84 6.98 -0.12
CA ASP A 197 8.21 7.56 1.05
C ASP A 197 9.32 7.88 2.04
N THR A 198 9.67 9.17 2.11
CA THR A 198 10.85 9.58 2.86
C THR A 198 10.54 9.50 4.36
N GLU A 199 9.26 9.61 4.73
CA GLU A 199 8.90 9.61 6.16
C GLU A 199 8.98 8.21 6.75
N HIS A 200 8.61 7.18 5.98
CA HIS A 200 8.50 5.87 6.60
C HIS A 200 9.67 4.97 6.24
N TYR A 201 10.56 5.46 5.37
CA TYR A 201 11.63 4.64 4.83
C TYR A 201 12.44 3.93 5.93
N ALA A 202 12.90 4.71 6.91
CA ALA A 202 13.81 4.18 7.92
C ALA A 202 13.13 2.98 8.58
N ALA A 203 11.90 3.19 9.03
CA ALA A 203 11.19 2.13 9.74
C ALA A 203 11.06 0.87 8.87
N SER A 204 10.81 1.08 7.57
CA SER A 204 10.65 -0.05 6.66
C SER A 204 11.96 -0.81 6.53
N ALA A 205 13.09 -0.10 6.42
CA ALA A 205 14.38 -0.77 6.32
C ALA A 205 14.63 -1.65 7.55
N ARG A 206 14.28 -1.10 8.72
CA ARG A 206 14.51 -1.83 9.96
C ARG A 206 13.59 -3.05 10.07
N ALA A 207 12.34 -2.87 9.63
CA ALA A 207 11.34 -3.95 9.60
C ALA A 207 11.81 -5.13 8.75
N PHE A 208 12.40 -4.86 7.59
CA PHE A 208 13.03 -5.89 6.78
C PHE A 208 14.09 -6.66 7.60
N GLY A 209 15.01 -5.97 8.29
CA GLY A 209 15.95 -6.68 9.16
C GLY A 209 15.27 -7.56 10.20
N ALA A 210 14.21 -7.03 10.82
CA ALA A 210 13.48 -7.75 11.85
C ALA A 210 12.74 -8.98 11.31
N ALA A 211 12.25 -8.90 10.08
CA ALA A 211 11.56 -10.02 9.43
C ALA A 211 12.49 -11.18 9.19
N PHE A 212 13.76 -10.90 8.87
CA PHE A 212 14.65 -11.99 8.51
C PHE A 212 15.86 -11.93 9.42
N PRO A 213 15.64 -12.19 10.72
CA PRO A 213 16.67 -11.93 11.73
C PRO A 213 17.89 -12.81 11.52
N LYS A 214 17.71 -13.96 10.86
CA LYS A 214 18.76 -14.95 10.74
C LYS A 214 19.58 -14.77 9.45
N ALA A 215 19.11 -13.94 8.50
CA ALA A 215 19.82 -13.70 7.25
C ALA A 215 21.16 -12.99 7.48
N SER A 216 22.23 -13.53 6.90
CA SER A 216 23.54 -12.92 7.04
C SER A 216 24.06 -12.44 5.68
N MET A 217 23.39 -12.86 4.58
CA MET A 217 23.75 -12.32 3.28
C MET A 217 22.55 -11.54 2.74
N ILE A 218 22.73 -10.21 2.61
CA ILE A 218 21.62 -9.36 2.16
C ILE A 218 21.91 -9.04 0.69
N VAL A 219 20.96 -9.43 -0.17
CA VAL A 219 21.06 -9.24 -1.61
C VAL A 219 20.16 -8.05 -1.93
N MET A 220 20.63 -7.17 -2.79
CA MET A 220 19.85 -6.01 -3.14
C MET A 220 19.93 -5.74 -4.64
N SER A 221 19.06 -4.85 -5.11
CA SER A 221 18.96 -4.61 -6.53
C SER A 221 20.20 -3.96 -7.12
N HIS A 222 20.82 -2.98 -6.41
CA HIS A 222 21.76 -2.08 -7.06
C HIS A 222 23.16 -2.10 -6.46
N SER A 223 23.43 -3.07 -5.58
CA SER A 223 24.79 -3.30 -5.10
C SER A 223 25.03 -4.80 -5.06
N ALA A 224 26.30 -5.21 -4.90
CA ALA A 224 26.65 -6.61 -4.68
C ALA A 224 26.21 -7.05 -3.28
N PRO A 225 26.05 -8.37 -3.01
CA PRO A 225 25.56 -8.81 -1.71
C PRO A 225 26.44 -8.26 -0.59
N ASP A 226 25.76 -7.91 0.51
CA ASP A 226 26.44 -7.35 1.66
C ASP A 226 26.06 -8.16 2.88
N SER A 227 26.63 -7.80 4.03
CA SER A 227 26.19 -8.32 5.31
C SER A 227 24.96 -7.55 5.81
N ARG A 228 24.55 -7.81 7.05
CA ARG A 228 23.41 -7.13 7.64
C ARG A 228 23.74 -5.66 7.86
N ALA A 229 25.04 -5.30 7.76
CA ALA A 229 25.45 -3.91 7.83
C ALA A 229 24.66 -3.08 6.81
N ALA A 230 24.36 -3.63 5.61
CA ALA A 230 23.57 -2.85 4.66
C ALA A 230 22.25 -2.37 5.26
N ILE A 231 21.58 -3.19 6.10
CA ILE A 231 20.27 -2.84 6.62
C ILE A 231 20.36 -1.60 7.51
N THR A 232 21.21 -1.70 8.54
CA THR A 232 21.37 -0.62 9.49
C THR A 232 21.94 0.64 8.83
N HIS A 233 22.82 0.48 7.83
CA HIS A 233 23.37 1.67 7.20
C HIS A 233 22.29 2.38 6.39
N THR A 234 21.48 1.59 5.69
CA THR A 234 20.37 2.14 4.93
C THR A 234 19.42 2.88 5.90
N ALA A 235 19.10 2.25 7.02
CA ALA A 235 18.16 2.88 7.95
C ALA A 235 18.74 4.21 8.46
N ARG A 236 20.05 4.21 8.75
CA ARG A 236 20.77 5.39 9.24
C ARG A 236 20.68 6.53 8.22
N MET A 237 20.87 6.22 6.93
CA MET A 237 20.69 7.23 5.91
C MET A 237 19.25 7.73 5.91
N ALA A 238 18.30 6.79 5.94
CA ALA A 238 16.90 7.15 5.78
C ALA A 238 16.46 7.99 6.99
N ASP A 239 17.06 7.75 8.16
CA ASP A 239 16.70 8.51 9.36
C ASP A 239 16.85 10.01 9.09
N LYS A 240 17.76 10.36 8.17
CA LYS A 240 18.12 11.75 7.93
C LYS A 240 17.17 12.38 6.92
N LEU A 241 16.21 11.63 6.38
CA LEU A 241 15.28 12.20 5.42
C LEU A 241 14.12 12.86 6.16
N ARG A 242 13.88 12.35 7.36
CA ARG A 242 12.70 12.82 8.14
C ARG A 242 13.11 14.01 9.00
N GLU B 12 -25.95 24.67 9.78
CA GLU B 12 -26.91 24.60 8.62
C GLU B 12 -28.22 23.98 9.08
N THR B 13 -29.33 24.41 8.45
CA THR B 13 -30.66 23.87 8.71
C THR B 13 -30.58 22.34 8.65
N GLY B 14 -31.07 21.67 9.71
CA GLY B 14 -31.06 20.22 9.71
C GLY B 14 -29.79 19.61 10.29
N ASP B 15 -28.87 20.44 10.77
CA ASP B 15 -27.80 19.90 11.60
C ASP B 15 -28.26 19.82 13.05
N GLN B 16 -27.78 18.79 13.77
CA GLN B 16 -28.03 18.62 15.19
C GLN B 16 -26.71 18.71 15.94
N ARG B 17 -26.66 19.58 16.96
CA ARG B 17 -25.52 19.60 17.84
C ARG B 17 -25.73 18.63 18.99
N PHE B 18 -24.66 17.90 19.32
CA PHE B 18 -24.72 16.96 20.42
C PHE B 18 -23.37 17.00 21.13
N GLY B 19 -23.33 17.63 22.31
CA GLY B 19 -22.04 18.08 22.82
C GLY B 19 -21.35 18.93 21.77
N ASP B 20 -20.07 18.62 21.53
CA ASP B 20 -19.28 19.46 20.65
C ASP B 20 -19.23 18.86 19.25
N LEU B 21 -20.13 17.91 18.96
CA LEU B 21 -20.16 17.28 17.65
C LEU B 21 -21.41 17.74 16.91
N VAL B 22 -21.38 17.64 15.58
CA VAL B 22 -22.55 17.98 14.77
C VAL B 22 -22.92 16.75 13.93
N PHE B 23 -24.23 16.47 13.84
CA PHE B 23 -24.71 15.33 13.06
C PHE B 23 -25.73 15.83 12.05
N ARG B 24 -25.66 15.27 10.83
CA ARG B 24 -26.54 15.67 9.73
C ARG B 24 -27.03 14.42 9.01
N GLN B 25 -28.36 14.29 8.93
CA GLN B 25 -28.90 13.16 8.18
C GLN B 25 -28.80 13.44 6.69
N LEU B 26 -28.25 12.46 5.95
CA LEU B 26 -28.05 12.62 4.52
C LEU B 26 -29.03 11.72 3.76
N ALA B 27 -29.54 10.67 4.41
CA ALA B 27 -30.45 9.72 3.78
C ALA B 27 -31.23 9.05 4.90
N PRO B 28 -32.33 8.30 4.64
CA PRO B 28 -33.06 7.66 5.74
C PRO B 28 -32.17 6.90 6.72
N ASN B 29 -31.10 6.24 6.22
CA ASN B 29 -30.28 5.39 7.07
C ASN B 29 -28.81 5.84 7.08
N VAL B 30 -28.52 7.09 6.78
CA VAL B 30 -27.14 7.59 6.71
C VAL B 30 -27.06 8.97 7.34
N TRP B 31 -26.10 9.14 8.28
CA TRP B 31 -25.79 10.44 8.85
C TRP B 31 -24.31 10.76 8.67
N GLN B 32 -24.01 12.07 8.59
CA GLN B 32 -22.62 12.52 8.64
C GLN B 32 -22.30 12.99 10.07
N HIS B 33 -21.20 12.47 10.64
CA HIS B 33 -20.73 12.96 11.93
C HIS B 33 -19.60 13.94 11.67
N THR B 34 -19.55 15.01 12.50
CA THR B 34 -18.56 16.08 12.37
C THR B 34 -18.02 16.37 13.76
N SER B 35 -16.68 16.43 13.83
CA SER B 35 -15.95 16.77 15.04
C SER B 35 -14.88 17.79 14.68
N TYR B 36 -14.38 18.50 15.70
CA TYR B 36 -13.47 19.61 15.47
C TYR B 36 -12.22 19.50 16.34
N LEU B 37 -11.10 19.85 15.72
CA LEU B 37 -9.81 19.95 16.38
C LEU B 37 -9.50 21.43 16.54
N ASP B 38 -9.39 21.84 17.80
CA ASP B 38 -9.00 23.19 18.15
C ASP B 38 -7.55 23.45 17.75
N MET B 39 -7.39 24.47 16.92
CA MET B 39 -6.03 24.97 16.61
C MET B 39 -5.94 26.29 17.39
N PRO B 40 -5.32 26.29 18.59
CA PRO B 40 -5.29 27.47 19.47
C PRO B 40 -4.91 28.71 18.66
N GLY B 41 -5.66 29.80 18.86
CA GLY B 41 -5.39 31.08 18.21
C GLY B 41 -5.77 31.17 16.73
N PHE B 42 -6.42 30.12 16.21
CA PHE B 42 -6.67 29.98 14.78
C PHE B 42 -8.13 29.61 14.56
N GLY B 43 -8.59 28.58 15.27
CA GLY B 43 -9.97 28.12 15.17
C GLY B 43 -10.04 26.59 15.15
N ALA B 44 -11.15 26.09 14.63
CA ALA B 44 -11.45 24.67 14.66
C ALA B 44 -11.39 24.10 13.25
N VAL B 45 -10.70 22.96 13.10
CA VAL B 45 -10.72 22.19 11.86
C VAL B 45 -11.77 21.08 11.98
N ALA B 46 -12.75 21.07 11.07
CA ALA B 46 -13.78 20.04 11.02
C ALA B 46 -13.24 18.77 10.35
N SER B 47 -13.76 17.62 10.78
CA SER B 47 -13.55 16.35 10.08
C SER B 47 -14.88 15.62 10.11
N ASN B 48 -15.23 15.02 8.96
CA ASN B 48 -16.49 14.34 8.82
C ASN B 48 -16.25 12.85 8.66
N GLY B 49 -17.18 12.05 9.21
CA GLY B 49 -17.26 10.64 8.88
C GLY B 49 -18.72 10.24 8.73
N LEU B 50 -19.02 8.93 8.67
CA LEU B 50 -20.41 8.54 8.40
C LEU B 50 -20.90 7.56 9.45
N ILE B 51 -22.23 7.55 9.62
CA ILE B 51 -22.97 6.55 10.41
C ILE B 51 -24.04 5.93 9.51
N VAL B 52 -24.08 4.60 9.42
CA VAL B 52 -25.06 3.93 8.57
C VAL B 52 -25.88 2.98 9.41
N ARG B 53 -27.21 3.11 9.32
CA ARG B 53 -28.10 2.12 9.94
C ARG B 53 -28.37 1.04 8.90
N ASP B 54 -28.08 -0.20 9.30
CA ASP B 54 -28.25 -1.33 8.41
C ASP B 54 -29.04 -2.40 9.17
N GLY B 55 -30.35 -2.44 8.95
CA GLY B 55 -31.15 -3.43 9.65
C GLY B 55 -31.20 -3.09 11.14
N GLY B 56 -30.79 -4.07 11.96
CA GLY B 56 -30.74 -3.94 13.42
C GLY B 56 -29.35 -3.60 13.95
N ARG B 57 -28.53 -3.01 13.09
CA ARG B 57 -27.14 -2.65 13.49
C ARG B 57 -26.70 -1.30 12.92
N VAL B 58 -25.65 -0.74 13.52
CA VAL B 58 -25.08 0.51 13.03
C VAL B 58 -23.62 0.24 12.65
N LEU B 59 -23.24 0.86 11.53
CA LEU B 59 -21.86 0.80 11.06
C LEU B 59 -21.29 2.22 11.02
N VAL B 60 -20.01 2.36 11.40
CA VAL B 60 -19.39 3.67 11.52
C VAL B 60 -18.22 3.74 10.53
N VAL B 61 -18.12 4.86 9.80
CA VAL B 61 -16.96 5.19 9.00
C VAL B 61 -16.21 6.36 9.66
N ASP B 62 -14.97 6.09 10.15
CA ASP B 62 -14.00 7.01 10.72
C ASP B 62 -14.37 7.39 12.16
N THR B 63 -13.32 7.56 12.96
CA THR B 63 -13.49 8.09 14.29
C THR B 63 -13.62 9.62 14.20
N ALA B 64 -13.79 10.25 15.36
CA ALA B 64 -13.58 11.69 15.50
C ALA B 64 -12.11 11.94 15.79
N TRP B 65 -11.68 13.22 15.93
CA TRP B 65 -10.27 13.49 16.22
C TRP B 65 -9.80 12.83 17.51
N THR B 66 -10.71 12.68 18.49
CA THR B 66 -10.27 12.22 19.80
C THR B 66 -11.17 11.10 20.32
N ASP B 67 -10.68 10.40 21.34
CA ASP B 67 -11.46 9.41 22.06
C ASP B 67 -12.72 10.01 22.67
N ASP B 68 -12.62 11.18 23.30
CA ASP B 68 -13.76 11.73 24.04
C ASP B 68 -14.82 12.10 23.02
N GLN B 69 -14.35 12.63 21.87
CA GLN B 69 -15.31 12.97 20.81
C GLN B 69 -15.95 11.71 20.23
N THR B 70 -15.16 10.64 20.08
CA THR B 70 -15.67 9.41 19.48
C THR B 70 -16.70 8.78 20.43
N ALA B 71 -16.40 8.79 21.74
CA ALA B 71 -17.37 8.35 22.73
C ALA B 71 -18.72 9.05 22.51
N GLN B 72 -18.68 10.34 22.18
CA GLN B 72 -19.93 11.07 22.00
C GLN B 72 -20.65 10.61 20.72
N ILE B 73 -19.90 10.20 19.69
CA ILE B 73 -20.56 9.58 18.54
C ILE B 73 -21.34 8.37 19.01
N LEU B 74 -20.73 7.52 19.85
CA LEU B 74 -21.43 6.32 20.28
C LEU B 74 -22.65 6.69 21.15
N ASN B 75 -22.50 7.74 21.96
CA ASN B 75 -23.62 8.20 22.78
C ASN B 75 -24.78 8.68 21.88
N TRP B 76 -24.44 9.45 20.85
CA TRP B 76 -25.46 9.97 19.96
C TRP B 76 -26.17 8.79 19.29
N ILE B 77 -25.40 7.78 18.82
CA ILE B 77 -26.01 6.62 18.18
C ILE B 77 -27.02 5.97 19.13
N LYS B 78 -26.62 5.76 20.39
CA LYS B 78 -27.49 5.12 21.36
C LYS B 78 -28.81 5.88 21.51
N GLN B 79 -28.69 7.21 21.63
CA GLN B 79 -29.82 8.09 21.81
C GLN B 79 -30.70 8.17 20.56
N GLU B 80 -30.10 8.43 19.39
CA GLU B 80 -30.84 8.77 18.17
C GLU B 80 -31.25 7.52 17.38
N ILE B 81 -30.53 6.41 17.52
CA ILE B 81 -30.79 5.25 16.68
C ILE B 81 -31.12 4.04 17.55
N ASN B 82 -30.39 3.87 18.66
CA ASN B 82 -30.66 2.82 19.64
C ASN B 82 -30.50 1.41 19.04
N LEU B 83 -29.46 1.21 18.21
CA LEU B 83 -29.09 -0.12 17.75
C LEU B 83 -27.59 -0.27 18.01
N PRO B 84 -27.12 -1.51 18.24
CA PRO B 84 -25.71 -1.77 18.52
C PRO B 84 -24.84 -1.44 17.31
N VAL B 85 -23.67 -0.88 17.63
CA VAL B 85 -22.67 -0.63 16.61
C VAL B 85 -21.93 -1.93 16.35
N ALA B 86 -21.98 -2.39 15.11
CA ALA B 86 -21.45 -3.70 14.74
C ALA B 86 -19.96 -3.61 14.41
N LEU B 87 -19.58 -2.50 13.78
CA LEU B 87 -18.20 -2.35 13.33
C LEU B 87 -17.92 -0.91 12.91
N ALA B 88 -16.65 -0.62 12.74
CA ALA B 88 -16.23 0.68 12.23
C ALA B 88 -15.09 0.42 11.29
N VAL B 89 -15.11 1.14 10.15
CA VAL B 89 -14.00 1.14 9.22
C VAL B 89 -13.39 2.55 9.28
N VAL B 90 -12.05 2.63 9.30
CA VAL B 90 -11.36 3.93 9.38
C VAL B 90 -10.48 4.11 8.15
N THR B 91 -10.36 5.33 7.60
CA THR B 91 -9.95 5.39 6.19
C THR B 91 -8.49 5.78 5.95
N HIS B 92 -7.73 6.11 7.00
CA HIS B 92 -6.27 6.06 6.95
C HIS B 92 -5.72 6.50 8.31
N ALA B 93 -4.39 6.43 8.47
CA ALA B 93 -3.78 6.57 9.80
C ALA B 93 -3.42 8.02 10.10
N HIS B 94 -4.44 8.88 10.09
CA HIS B 94 -4.30 10.23 10.61
C HIS B 94 -5.30 10.45 11.73
N GLN B 95 -5.01 11.45 12.55
CA GLN B 95 -5.80 11.70 13.78
C GLN B 95 -7.29 11.90 13.51
N ASP B 96 -7.59 12.60 12.43
CA ASP B 96 -9.00 12.87 12.16
C ASP B 96 -9.79 11.58 11.91
N LYS B 97 -9.10 10.53 11.49
CA LYS B 97 -9.75 9.29 11.05
C LYS B 97 -9.61 8.18 12.11
N MET B 98 -8.51 8.20 12.88
CA MET B 98 -8.18 7.09 13.74
C MET B 98 -7.87 7.59 15.14
N GLY B 99 -8.04 8.90 15.37
CA GLY B 99 -7.69 9.46 16.68
C GLY B 99 -8.55 8.94 17.84
N GLY B 100 -9.73 8.39 17.53
CA GLY B 100 -10.64 7.88 18.54
C GLY B 100 -10.79 6.35 18.61
N MET B 101 -9.75 5.60 18.20
CA MET B 101 -9.83 4.16 18.13
C MET B 101 -10.07 3.61 19.54
N ASP B 102 -9.47 4.21 20.58
CA ASP B 102 -9.61 3.61 21.90
C ASP B 102 -11.07 3.67 22.36
N ALA B 103 -11.85 4.66 21.86
CA ALA B 103 -13.25 4.75 22.27
C ALA B 103 -14.03 3.55 21.74
N LEU B 104 -13.68 3.16 20.52
CA LEU B 104 -14.33 2.05 19.87
C LEU B 104 -13.92 0.75 20.55
N HIS B 105 -12.63 0.60 20.77
CA HIS B 105 -12.13 -0.62 21.40
C HIS B 105 -12.64 -0.82 22.82
N ALA B 106 -12.73 0.29 23.58
CA ALA B 106 -13.29 0.25 24.93
C ALA B 106 -14.72 -0.31 24.92
N ALA B 107 -15.50 0.01 23.87
CA ALA B 107 -16.89 -0.39 23.80
C ALA B 107 -17.04 -1.76 23.13
N GLY B 108 -15.91 -2.39 22.79
CA GLY B 108 -15.92 -3.72 22.20
C GLY B 108 -16.38 -3.75 20.74
N ILE B 109 -16.18 -2.65 20.00
CA ILE B 109 -16.58 -2.56 18.60
C ILE B 109 -15.42 -3.03 17.71
N ALA B 110 -15.69 -4.00 16.82
CA ALA B 110 -14.70 -4.50 15.87
C ALA B 110 -14.32 -3.38 14.90
N THR B 111 -13.00 -3.16 14.74
CA THR B 111 -12.53 -2.07 13.91
C THR B 111 -11.68 -2.62 12.76
N TYR B 112 -11.84 -1.99 11.60
CA TYR B 112 -11.19 -2.41 10.36
C TYR B 112 -10.47 -1.22 9.71
N ALA B 113 -9.28 -1.47 9.13
CA ALA B 113 -8.55 -0.47 8.35
C ALA B 113 -7.75 -1.22 7.29
N ASN B 114 -7.43 -0.54 6.19
CA ASN B 114 -6.35 -0.99 5.32
C ASN B 114 -5.17 -1.60 6.14
N ALA B 115 -4.68 -2.77 5.76
CA ALA B 115 -3.51 -3.38 6.44
C ALA B 115 -2.39 -2.37 6.54
N LEU B 116 -2.19 -1.58 5.47
CA LEU B 116 -1.16 -0.55 5.50
C LEU B 116 -1.45 0.52 6.56
N SER B 117 -2.73 0.91 6.75
CA SER B 117 -3.05 1.84 7.82
C SER B 117 -2.59 1.29 9.17
N ASN B 118 -2.87 0.01 9.41
CA ASN B 118 -2.50 -0.62 10.69
C ASN B 118 -0.99 -0.73 10.82
N GLN B 119 -0.32 -1.06 9.71
CA GLN B 119 1.13 -1.18 9.74
C GLN B 119 1.81 0.16 10.05
N LEU B 120 1.29 1.26 9.52
CA LEU B 120 1.84 2.59 9.73
C LEU B 120 1.36 3.23 11.03
N ALA B 121 0.31 2.67 11.66
CA ALA B 121 -0.33 3.39 12.75
C ALA B 121 0.66 3.80 13.84
N PRO B 122 1.54 2.90 14.33
CA PRO B 122 2.51 3.30 15.35
C PRO B 122 3.36 4.52 15.00
N GLN B 123 3.90 4.56 13.76
CA GLN B 123 4.69 5.73 13.33
C GLN B 123 3.84 7.00 13.26
N GLU B 124 2.53 6.84 13.02
CA GLU B 124 1.64 7.99 12.93
C GLU B 124 1.03 8.36 14.29
N GLY B 125 1.46 7.69 15.37
CA GLY B 125 0.91 7.94 16.69
C GLY B 125 -0.54 7.49 16.87
N MET B 126 -0.99 6.54 16.05
CA MET B 126 -2.38 6.05 16.08
C MET B 126 -2.43 4.64 16.66
N VAL B 127 -3.57 4.29 17.29
CA VAL B 127 -3.85 2.92 17.68
C VAL B 127 -4.34 2.15 16.45
N ALA B 128 -3.72 0.99 16.13
CA ALA B 128 -4.18 0.24 14.96
C ALA B 128 -5.59 -0.32 15.18
N ALA B 129 -6.34 -0.47 14.08
CA ALA B 129 -7.61 -1.17 14.10
C ALA B 129 -7.34 -2.63 14.44
N GLN B 130 -8.38 -3.34 14.91
CA GLN B 130 -8.22 -4.74 15.26
C GLN B 130 -8.05 -5.63 14.03
N HIS B 131 -8.59 -5.23 12.86
CA HIS B 131 -8.57 -6.14 11.71
C HIS B 131 -8.09 -5.38 10.49
N SER B 132 -7.49 -6.12 9.54
CA SER B 132 -6.93 -5.50 8.35
C SER B 132 -7.69 -5.92 7.11
N LEU B 133 -7.97 -4.92 6.26
CA LEU B 133 -8.54 -5.13 4.96
C LEU B 133 -7.40 -5.28 3.97
N THR B 134 -7.60 -6.13 2.97
CA THR B 134 -6.68 -6.22 1.83
C THR B 134 -7.49 -6.05 0.56
N PHE B 135 -6.77 -5.82 -0.56
CA PHE B 135 -7.47 -5.34 -1.74
C PHE B 135 -6.93 -6.00 -3.00
N ALA B 136 -7.81 -6.24 -3.98
CA ALA B 136 -7.40 -6.77 -5.27
C ALA B 136 -6.65 -5.67 -6.05
N ALA B 137 -6.04 -6.06 -7.18
CA ALA B 137 -5.28 -5.11 -8.00
C ALA B 137 -6.20 -4.06 -8.59
N ASN B 138 -7.48 -4.37 -8.70
CA ASN B 138 -8.42 -3.39 -9.24
C ASN B 138 -8.92 -2.42 -8.16
N GLY B 139 -8.41 -2.57 -6.93
CA GLY B 139 -8.75 -1.65 -5.84
C GLY B 139 -9.93 -2.13 -4.97
N TRP B 140 -10.68 -3.12 -5.45
CA TRP B 140 -11.83 -3.57 -4.64
C TRP B 140 -11.35 -4.35 -3.42
N VAL B 141 -12.02 -4.14 -2.28
CA VAL B 141 -11.66 -4.90 -1.08
C VAL B 141 -11.84 -6.39 -1.37
N GLU B 142 -10.99 -7.22 -0.74
CA GLU B 142 -11.16 -8.66 -0.82
C GLU B 142 -12.26 -9.03 0.17
N PRO B 143 -13.41 -9.60 -0.29
CA PRO B 143 -14.55 -9.75 0.62
C PRO B 143 -14.30 -10.54 1.91
N ALA B 144 -13.45 -11.57 1.84
CA ALA B 144 -13.05 -12.32 3.03
C ALA B 144 -12.55 -11.39 4.13
N THR B 145 -11.96 -10.21 3.81
CA THR B 145 -11.34 -9.38 4.82
C THR B 145 -12.31 -8.32 5.34
N ALA B 146 -13.53 -8.27 4.78
CA ALA B 146 -14.53 -7.27 5.13
C ALA B 146 -15.79 -7.99 5.60
N PRO B 147 -15.73 -8.80 6.68
CA PRO B 147 -16.87 -9.63 7.11
C PRO B 147 -18.06 -8.78 7.53
N ASN B 148 -19.21 -9.07 6.91
CA ASN B 148 -20.52 -8.51 7.23
C ASN B 148 -20.50 -6.98 7.12
N PHE B 149 -19.83 -6.45 6.07
CA PHE B 149 -19.79 -5.00 5.84
C PHE B 149 -21.14 -4.47 5.39
N GLY B 150 -22.06 -5.38 5.05
CA GLY B 150 -23.40 -4.95 4.66
C GLY B 150 -23.33 -3.95 3.50
N PRO B 151 -23.94 -2.76 3.62
CA PRO B 151 -23.87 -1.78 2.54
C PRO B 151 -22.54 -1.06 2.30
N LEU B 152 -21.56 -1.24 3.19
CA LEU B 152 -20.28 -0.54 3.01
C LEU B 152 -19.43 -1.23 1.96
N LYS B 153 -19.15 -0.50 0.86
CA LYS B 153 -18.43 -1.12 -0.25
C LYS B 153 -17.08 -0.43 -0.32
N VAL B 154 -16.02 -1.11 0.15
CA VAL B 154 -14.74 -0.45 0.37
C VAL B 154 -13.87 -0.58 -0.88
N PHE B 155 -13.24 0.54 -1.26
CA PHE B 155 -12.44 0.66 -2.48
C PHE B 155 -11.15 1.38 -2.12
N TYR B 156 -10.03 0.75 -2.50
CA TYR B 156 -8.73 1.38 -2.36
C TYR B 156 -8.36 1.99 -3.71
N PRO B 157 -8.36 3.34 -3.86
CA PRO B 157 -8.26 3.93 -5.18
C PRO B 157 -6.81 4.11 -5.62
N GLY B 158 -5.87 3.76 -4.71
CA GLY B 158 -4.45 4.04 -4.91
C GLY B 158 -3.95 5.24 -4.10
N PRO B 159 -2.62 5.45 -4.04
CA PRO B 159 -2.04 6.46 -3.14
C PRO B 159 -2.46 7.85 -3.60
N GLY B 160 -2.75 8.71 -2.63
CA GLY B 160 -3.10 10.09 -2.94
C GLY B 160 -2.83 10.98 -1.75
N HIS B 161 -3.90 11.25 -1.00
CA HIS B 161 -3.76 12.04 0.21
C HIS B 161 -2.75 11.33 1.13
N THR B 162 -2.87 10.01 1.22
CA THR B 162 -1.86 9.14 1.83
C THR B 162 -1.71 7.88 0.97
N SER B 163 -0.67 7.07 1.23
CA SER B 163 -0.57 5.86 0.44
C SER B 163 -1.59 4.82 0.91
N ASP B 164 -2.16 4.96 2.13
CA ASP B 164 -3.11 3.95 2.65
C ASP B 164 -4.57 4.40 2.54
N ASN B 165 -4.86 5.60 1.99
CA ASN B 165 -6.25 6.10 2.03
C ASN B 165 -7.21 5.12 1.37
N ILE B 166 -8.36 4.87 2.02
CA ILE B 166 -9.41 4.08 1.37
C ILE B 166 -10.71 4.90 1.29
N THR B 167 -11.68 4.40 0.48
CA THR B 167 -12.93 5.12 0.22
C THR B 167 -14.07 4.12 0.42
N VAL B 168 -15.28 4.62 0.69
CA VAL B 168 -16.38 3.73 1.05
C VAL B 168 -17.62 4.19 0.31
N GLY B 169 -18.19 3.29 -0.50
CA GLY B 169 -19.49 3.56 -1.10
C GLY B 169 -20.61 3.06 -0.19
N ILE B 170 -21.73 3.75 -0.18
CA ILE B 170 -22.82 3.29 0.67
C ILE B 170 -23.89 2.65 -0.19
N ASP B 171 -23.80 1.31 -0.34
CA ASP B 171 -24.70 0.63 -1.26
C ASP B 171 -26.14 0.91 -0.84
N GLY B 172 -27.05 0.93 -1.83
CA GLY B 172 -28.48 1.21 -1.61
C GLY B 172 -28.77 2.69 -1.37
N THR B 173 -27.76 3.53 -1.62
CA THR B 173 -27.93 4.97 -1.62
C THR B 173 -27.10 5.54 -2.78
N ASP B 174 -27.17 6.85 -2.94
CA ASP B 174 -26.38 7.51 -3.98
C ASP B 174 -25.20 8.22 -3.33
N ILE B 175 -24.68 7.69 -2.19
CA ILE B 175 -23.68 8.37 -1.42
C ILE B 175 -22.38 7.58 -1.54
N ALA B 176 -21.29 8.28 -1.81
CA ALA B 176 -19.97 7.67 -1.63
C ALA B 176 -19.04 8.61 -0.84
N PHE B 177 -18.20 7.99 -0.02
CA PHE B 177 -17.34 8.74 0.87
C PHE B 177 -15.91 8.71 0.33
N GLY B 178 -15.41 9.89 -0.05
CA GLY B 178 -14.02 10.06 -0.50
C GLY B 178 -13.00 10.23 0.61
N GLY B 179 -13.46 10.35 1.87
CA GLY B 179 -12.60 10.75 2.96
C GLY B 179 -11.75 11.98 2.62
N CYS B 180 -10.44 11.88 2.89
CA CYS B 180 -9.63 13.08 2.76
C CYS B 180 -9.02 13.16 1.36
N LEU B 181 -9.26 12.12 0.53
CA LEU B 181 -8.69 12.14 -0.80
C LEU B 181 -9.39 13.20 -1.66
N ILE B 182 -10.69 13.36 -1.45
CA ILE B 182 -11.44 14.30 -2.32
C ILE B 182 -11.72 15.59 -1.54
N LYS B 183 -11.67 16.72 -2.22
CA LYS B 183 -12.04 18.00 -1.61
C LYS B 183 -13.18 18.56 -2.44
N ASP B 184 -13.91 19.54 -1.90
CA ASP B 184 -15.08 20.00 -2.67
C ASP B 184 -14.67 20.84 -3.89
N SER B 185 -15.64 21.11 -4.76
CA SER B 185 -15.35 21.74 -6.04
C SER B 185 -14.97 23.22 -5.86
N LYS B 186 -15.12 23.73 -4.63
CA LYS B 186 -14.75 25.09 -4.26
C LYS B 186 -13.33 25.17 -3.68
N ALA B 187 -12.65 24.02 -3.52
CA ALA B 187 -11.40 24.03 -2.77
C ALA B 187 -10.30 24.73 -3.57
N LYS B 188 -9.43 25.43 -2.84
CA LYS B 188 -8.31 26.14 -3.44
C LYS B 188 -7.03 25.33 -3.28
N SER B 189 -7.09 24.21 -2.55
CA SER B 189 -5.88 23.41 -2.39
C SER B 189 -6.26 21.99 -1.99
N LEU B 190 -5.24 21.12 -1.89
CA LEU B 190 -5.42 19.71 -1.62
C LEU B 190 -5.16 19.41 -0.14
N GLY B 191 -5.14 20.47 0.68
CA GLY B 191 -5.12 20.30 2.13
C GLY B 191 -3.78 19.76 2.61
N ASN B 192 -3.82 18.79 3.53
CA ASN B 192 -2.61 18.35 4.18
C ASN B 192 -1.95 17.27 3.31
N LEU B 193 -0.86 17.64 2.63
CA LEU B 193 -0.11 16.73 1.78
C LEU B 193 1.10 16.12 2.48
N GLY B 194 1.13 16.14 3.83
CA GLY B 194 2.35 15.75 4.54
C GLY B 194 2.73 14.29 4.31
N ASP B 195 1.76 13.47 3.94
CA ASP B 195 1.97 12.05 3.75
C ASP B 195 1.48 11.70 2.34
N ALA B 196 1.33 12.71 1.49
CA ALA B 196 0.68 12.51 0.20
C ALA B 196 1.61 11.88 -0.83
N ASP B 197 1.00 11.23 -1.82
CA ASP B 197 1.74 10.73 -2.97
C ASP B 197 1.33 11.63 -4.16
N THR B 198 2.20 12.60 -4.49
CA THR B 198 1.87 13.63 -5.47
C THR B 198 1.85 13.05 -6.88
N GLU B 199 2.53 11.94 -7.09
CA GLU B 199 2.62 11.39 -8.46
C GLU B 199 1.35 10.65 -8.83
N HIS B 200 0.74 9.96 -7.87
CA HIS B 200 -0.37 9.10 -8.23
C HIS B 200 -1.73 9.65 -7.79
N TYR B 201 -1.74 10.79 -7.08
CA TYR B 201 -2.94 11.40 -6.51
C TYR B 201 -4.07 11.57 -7.56
N ALA B 202 -3.72 12.14 -8.71
CA ALA B 202 -4.76 12.42 -9.73
C ALA B 202 -5.46 11.14 -10.22
N ALA B 203 -4.67 10.08 -10.52
CA ALA B 203 -5.24 8.82 -10.95
C ALA B 203 -6.11 8.22 -9.85
N SER B 204 -5.67 8.36 -8.59
CA SER B 204 -6.44 7.81 -7.49
C SER B 204 -7.80 8.48 -7.34
N ALA B 205 -7.80 9.82 -7.44
CA ALA B 205 -9.04 10.57 -7.40
C ALA B 205 -9.98 10.07 -8.50
N ARG B 206 -9.44 9.89 -9.71
CA ARG B 206 -10.31 9.46 -10.84
C ARG B 206 -10.81 8.04 -10.62
N ALA B 207 -9.97 7.17 -10.03
CA ALA B 207 -10.35 5.79 -9.80
C ALA B 207 -11.54 5.75 -8.83
N PHE B 208 -11.53 6.61 -7.81
CA PHE B 208 -12.64 6.68 -6.86
C PHE B 208 -13.92 7.01 -7.63
N GLY B 209 -13.87 7.98 -8.56
CA GLY B 209 -15.06 8.28 -9.34
C GLY B 209 -15.57 7.09 -10.18
N ALA B 210 -14.63 6.33 -10.80
CA ALA B 210 -14.94 5.18 -11.65
C ALA B 210 -15.52 4.03 -10.83
N ALA B 211 -15.09 3.90 -9.57
CA ALA B 211 -15.50 2.84 -8.66
C ALA B 211 -16.97 2.95 -8.28
N PHE B 212 -17.43 4.19 -8.08
CA PHE B 212 -18.80 4.41 -7.66
C PHE B 212 -19.48 5.32 -8.69
N PRO B 213 -19.69 4.86 -9.93
CA PRO B 213 -20.23 5.74 -10.97
C PRO B 213 -21.70 6.15 -10.75
N LYS B 214 -22.39 5.55 -9.78
CA LYS B 214 -23.80 5.85 -9.49
C LYS B 214 -23.91 6.98 -8.47
N ALA B 215 -22.84 7.23 -7.71
CA ALA B 215 -22.93 8.13 -6.56
C ALA B 215 -23.19 9.56 -7.05
N SER B 216 -24.18 10.24 -6.48
CA SER B 216 -24.40 11.66 -6.80
C SER B 216 -24.06 12.57 -5.62
N MET B 217 -23.88 11.99 -4.43
CA MET B 217 -23.52 12.82 -3.27
C MET B 217 -22.17 12.32 -2.76
N ILE B 218 -21.15 13.18 -2.86
CA ILE B 218 -19.80 12.82 -2.43
C ILE B 218 -19.56 13.45 -1.08
N VAL B 219 -19.30 12.57 -0.10
CA VAL B 219 -19.08 12.97 1.28
C VAL B 219 -17.56 12.95 1.47
N MET B 220 -17.02 13.96 2.17
CA MET B 220 -15.58 14.00 2.30
C MET B 220 -15.19 14.55 3.69
N SER B 221 -13.94 14.36 4.09
CA SER B 221 -13.57 14.60 5.47
C SER B 221 -13.63 16.09 5.84
N HIS B 222 -13.24 16.98 4.90
CA HIS B 222 -12.94 18.35 5.29
C HIS B 222 -13.76 19.36 4.48
N SER B 223 -14.84 18.89 3.83
CA SER B 223 -15.77 19.77 3.10
C SER B 223 -17.18 19.23 3.35
N ALA B 224 -18.21 20.10 3.23
CA ALA B 224 -19.58 19.59 3.22
C ALA B 224 -19.82 18.75 1.96
N PRO B 225 -20.84 17.85 1.92
CA PRO B 225 -21.10 17.04 0.73
C PRO B 225 -21.26 17.89 -0.54
N ASP B 226 -20.77 17.35 -1.64
CA ASP B 226 -20.81 18.05 -2.93
C ASP B 226 -21.24 17.03 -3.97
N SER B 227 -21.48 17.50 -5.20
CA SER B 227 -21.76 16.60 -6.30
C SER B 227 -20.47 15.96 -6.84
N ARG B 228 -20.59 15.22 -7.97
CA ARG B 228 -19.45 14.49 -8.52
C ARG B 228 -18.34 15.45 -8.98
N ALA B 229 -18.68 16.73 -9.24
CA ALA B 229 -17.67 17.70 -9.66
C ALA B 229 -16.52 17.73 -8.65
N ALA B 230 -16.83 17.36 -7.39
CA ALA B 230 -15.76 17.34 -6.40
C ALA B 230 -14.61 16.43 -6.82
N ILE B 231 -14.95 15.28 -7.40
CA ILE B 231 -13.97 14.30 -7.80
C ILE B 231 -13.09 14.87 -8.89
N THR B 232 -13.73 15.39 -9.93
CA THR B 232 -13.03 15.80 -11.13
C THR B 232 -12.20 17.05 -10.79
N HIS B 233 -12.77 17.99 -10.02
CA HIS B 233 -12.03 19.18 -9.67
C HIS B 233 -10.79 18.77 -8.86
N THR B 234 -10.97 17.83 -7.95
CA THR B 234 -9.85 17.32 -7.16
C THR B 234 -8.78 16.72 -8.05
N ALA B 235 -9.19 15.86 -8.98
CA ALA B 235 -8.24 15.22 -9.88
C ALA B 235 -7.48 16.28 -10.68
N ARG B 236 -8.17 17.33 -11.12
CA ARG B 236 -7.54 18.40 -11.91
C ARG B 236 -6.55 19.23 -11.08
N MET B 237 -6.84 19.48 -9.81
CA MET B 237 -5.86 20.18 -8.98
C MET B 237 -4.65 19.26 -8.77
N ALA B 238 -4.92 17.96 -8.60
CA ALA B 238 -3.85 16.96 -8.48
C ALA B 238 -2.98 16.82 -9.73
N ASP B 239 -3.54 17.00 -10.95
CA ASP B 239 -2.78 16.95 -12.19
C ASP B 239 -1.64 17.96 -12.13
N LYS B 240 -1.88 19.09 -11.45
CA LYS B 240 -0.88 20.15 -11.38
C LYS B 240 0.30 19.78 -10.48
N LEU B 241 0.24 18.64 -9.77
CA LEU B 241 1.33 18.27 -8.88
C LEU B 241 2.42 17.47 -9.60
N ARG B 242 2.22 17.13 -10.86
CA ARG B 242 3.35 16.49 -11.61
C ARG B 242 4.34 17.60 -12.03
ZN ZN C . 12.62 0.92 -7.96
ZN ZN D . 15.72 -0.49 -8.45
CA CA E . 6.84 6.70 -10.78
CA CA F . 7.09 -5.39 -22.40
C4 OQU G . 17.75 2.86 -9.52
C5 OQU G . 17.14 3.21 -10.81
C6 OQU G . 17.86 3.91 -11.76
C7 OQU G . 17.30 4.22 -12.99
C8 OQU G . 15.99 3.85 -13.27
C9 OQU G . 15.26 3.16 -12.32
C10 OQU G . 15.83 2.82 -11.10
N1 OQU G . 20.82 2.66 -6.24
N2 OQU G . 19.54 2.56 -5.70
C3 OQU G . 18.70 2.83 -6.66
N3 OQU G . 19.34 3.11 -7.84
F1 OQU G . 21.66 2.50 -9.53
C1 OQU G . 21.80 3.23 -8.44
F2 OQU G . 21.89 4.48 -8.81
F3 OQU G . 22.97 2.89 -7.90
C2 OQU G . 20.67 3.02 -7.50
S1 OQU G . 16.96 2.80 -6.52
N4 OQU G . 18.81 3.43 -9.10
BR1 OQU G . 13.47 2.64 -12.72
C1 EDO H . 5.20 2.71 -7.89
O1 EDO H . 5.30 3.77 -6.95
C2 EDO H . 6.54 2.17 -8.18
O2 EDO H . 6.65 0.85 -7.75
ZN ZN I . -5.36 12.49 6.45
ZN ZN J . -8.22 14.45 6.93
CA CA K . -6.38 6.94 22.60
CA CA L . 2.85 11.25 8.89
C4 OQU M . -6.49 17.97 7.17
C5 OQU M . -5.76 17.92 8.43
C6 OQU M . -5.53 19.08 9.15
C7 OQU M . -4.85 19.05 10.36
C8 OQU M . -4.38 17.85 10.86
C9 OQU M . -4.63 16.68 10.14
C10 OQU M . -5.29 16.70 8.93
N1 OQU M . -8.65 19.92 3.71
N2 OQU M . -8.08 18.72 3.32
C3 OQU M . -7.34 18.29 4.33
N3 OQU M . -7.41 19.17 5.39
F1 OQU M . -7.57 22.10 6.03
C1 OQU M . -8.61 21.33 5.77
F2 OQU M . -9.53 22.11 5.18
F3 OQU M . -9.08 20.95 6.94
C2 OQU M . -8.25 20.16 4.93
S1 OQU M . -6.36 16.83 4.37
N4 OQU M . -6.81 19.09 6.66
BR1 OQU M . -3.97 15.04 10.84
N1 EPE N . -9.99 16.61 -18.84
C2 EPE N . -10.67 17.79 -19.39
C3 EPE N . -10.20 19.06 -18.72
N4 EPE N . -8.74 19.11 -18.66
C5 EPE N . -8.25 18.01 -17.82
C6 EPE N . -9.33 16.99 -17.59
C7 EPE N . -8.30 20.40 -18.11
C8 EPE N . -9.02 21.58 -18.69
O8 EPE N . -8.96 21.54 -20.10
C9 EPE N . -10.91 15.48 -18.66
C10 EPE N . -10.44 14.42 -17.67
S EPE N . -11.26 14.65 -16.12
O1S EPE N . -12.60 15.05 -16.42
O2S EPE N . -10.46 15.55 -15.34
O3S EPE N . -11.26 13.25 -15.51
C1 EDO O . 0.17 7.35 6.35
O1 EDO O . 1.26 8.22 6.22
C2 EDO O . -0.86 8.01 7.19
O2 EDO O . -2.15 7.54 6.91
C1 EDO P . -22.57 2.50 -4.27
O1 EDO P . -21.70 2.01 -3.26
C2 EDO P . -22.42 3.95 -4.47
O2 EDO P . -23.52 4.67 -3.98
#